data_1NJE
#
_entry.id   1NJE
#
_cell.length_a   78.500
_cell.length_b   78.500
_cell.length_c   242.300
_cell.angle_alpha   90.00
_cell.angle_beta   90.00
_cell.angle_gamma   120.00
#
_symmetry.space_group_name_H-M   'P 61 2 2'
#
loop_
_entity.id
_entity.type
_entity.pdbx_description
1 polymer 'THYMIDYLATE SYNTHASE'
2 non-polymer "2'-DEOXYCYTIDINE-5'-MONOPHOSPHATE"
3 water water
#
_entity_poly.entity_id   1
_entity_poly.type   'polypeptide(L)'
_entity_poly.pdbx_seq_one_letter_code
;MLEQPYLDLAKKVLDEGHFKPDRTHTGTYSIFGHQMRFDLSKGFPLLTTKKVPFGLIKSELLWFLHGDTNIRFLLQHRNH
IWDEWAFEKWVKSDEYHGPDMTDFGHRSQKDPEFAAVYHEEMAKFDDRVLHDDAFAAKYGDLGLVYGSQWRAWHTSKGDT
IDQLGDVIEQIKTHPYSRRLIVSAWNPEDVPTMALPPCHTLYQFYVNDGKLSLQLYQRSADIFLGVPFNIASYALLTHLV
AHECGLEVGEFIHTFGDAHLYVNHLDQIKEQLSRTPRPAPTLQLNPDKHDIFDFDMKDIKLLNYDPYPAIKAPVAV
;
_entity_poly.pdbx_strand_id   A
#
loop_
_chem_comp.id
_chem_comp.type
_chem_comp.name
_chem_comp.formula
DCM non-polymer 2'-DEOXYCYTIDINE-5'-MONOPHOSPHATE 'C9 H14 N3 O7 P'
#
# COMPACT_ATOMS: atom_id res chain seq x y z
N MET A 1 19.87 4.27 -12.83
CA MET A 1 19.67 4.66 -11.41
C MET A 1 18.66 3.69 -10.83
N LEU A 2 18.57 3.62 -9.51
CA LEU A 2 17.68 2.68 -8.82
C LEU A 2 16.20 2.76 -9.18
N GLU A 3 15.65 3.97 -9.18
CA GLU A 3 14.25 4.08 -9.50
C GLU A 3 13.99 3.99 -10.99
N GLN A 4 15.04 3.97 -11.82
CA GLN A 4 14.81 3.92 -13.27
C GLN A 4 13.76 2.93 -13.77
N PRO A 5 13.65 1.75 -13.13
CA PRO A 5 12.63 0.83 -13.63
C PRO A 5 11.25 1.48 -13.56
N TYR A 6 11.03 2.22 -12.49
CA TYR A 6 9.77 2.93 -12.32
C TYR A 6 9.59 3.95 -13.43
N LEU A 7 10.61 4.78 -13.66
CA LEU A 7 10.48 5.79 -14.71
C LEU A 7 10.32 5.11 -16.08
N ASP A 8 10.93 3.94 -16.25
CA ASP A 8 10.85 3.19 -17.51
C ASP A 8 9.47 2.54 -17.67
N LEU A 9 8.77 2.30 -16.58
CA LEU A 9 7.44 1.73 -16.71
C LEU A 9 6.48 2.86 -17.04
N ALA A 10 6.63 4.01 -16.38
CA ALA A 10 5.73 5.13 -16.64
C ALA A 10 5.91 5.55 -18.07
N LYS A 11 7.16 5.56 -18.49
CA LYS A 11 7.50 5.95 -19.86
C LYS A 11 6.72 5.09 -20.83
N LYS A 12 6.94 3.77 -20.76
CA LYS A 12 6.27 2.83 -21.64
C LYS A 12 4.73 2.86 -21.74
N VAL A 13 3.99 3.03 -20.64
CA VAL A 13 2.54 3.05 -20.81
C VAL A 13 2.10 4.35 -21.52
N LEU A 14 3.04 5.26 -21.72
CA LEU A 14 2.80 6.52 -22.44
C LEU A 14 2.96 6.23 -23.93
N ASP A 15 3.83 5.26 -24.23
CA ASP A 15 4.10 4.87 -25.61
C ASP A 15 3.18 3.78 -26.11
N GLU A 16 2.99 2.73 -25.32
CA GLU A 16 2.16 1.60 -25.73
C GLU A 16 0.88 1.41 -24.93
N GLY A 17 0.62 2.29 -23.98
CA GLY A 17 -0.58 2.15 -23.20
C GLY A 17 -1.79 2.42 -24.07
N HIS A 18 -2.53 1.37 -24.40
CA HIS A 18 -3.73 1.55 -25.20
C HIS A 18 -4.81 2.11 -24.28
N PHE A 19 -5.78 2.80 -24.84
CA PHE A 19 -6.83 3.39 -24.02
C PHE A 19 -7.81 2.36 -23.51
N LYS A 20 -7.95 2.33 -22.19
CA LYS A 20 -8.84 1.39 -21.54
C LYS A 20 -9.80 2.17 -20.64
N PRO A 21 -11.12 1.92 -20.79
CA PRO A 21 -12.12 2.60 -19.96
C PRO A 21 -12.16 1.83 -18.63
N ASP A 22 -12.77 2.39 -17.60
CA ASP A 22 -12.80 1.66 -16.33
C ASP A 22 -13.88 2.05 -15.33
N ARG A 23 -13.87 1.31 -14.24
CA ARG A 23 -14.78 1.46 -13.11
C ARG A 23 -14.89 2.90 -12.61
N THR A 24 -13.74 3.52 -12.35
CA THR A 24 -13.71 4.89 -11.86
C THR A 24 -13.98 5.98 -12.90
N HIS A 25 -14.69 5.61 -13.96
CA HIS A 25 -15.10 6.49 -15.06
C HIS A 25 -14.07 7.49 -15.63
N THR A 26 -12.85 7.47 -15.12
CA THR A 26 -11.81 8.37 -15.61
C THR A 26 -10.96 7.47 -16.49
N GLY A 27 -10.82 7.83 -17.75
CA GLY A 27 -10.06 7.00 -18.67
C GLY A 27 -8.66 6.62 -18.24
N THR A 28 -8.18 5.49 -18.76
CA THR A 28 -6.82 5.08 -18.45
C THR A 28 -6.07 4.64 -19.68
N TYR A 29 -4.74 4.62 -19.54
CA TYR A 29 -3.84 4.16 -20.57
C TYR A 29 -3.33 2.90 -19.89
N SER A 30 -3.49 1.76 -20.54
CA SER A 30 -3.13 0.50 -19.93
C SER A 30 -2.25 -0.53 -20.67
N ILE A 31 -1.50 -1.29 -19.88
CA ILE A 31 -0.65 -2.39 -20.36
C ILE A 31 -0.96 -3.57 -19.40
N PHE A 32 -0.72 -4.80 -19.85
CA PHE A 32 -1.00 -5.97 -19.04
C PHE A 32 0.23 -6.89 -19.00
N GLY A 33 0.73 -7.18 -17.80
CA GLY A 33 1.89 -8.03 -17.67
C GLY A 33 3.14 -7.17 -17.77
N HIS A 34 3.85 -7.06 -16.65
CA HIS A 34 5.09 -6.28 -16.58
C HIS A 34 5.84 -6.73 -15.35
N GLN A 35 7.15 -6.47 -15.30
CA GLN A 35 7.94 -6.91 -14.16
C GLN A 35 9.08 -5.92 -13.95
N MET A 36 9.41 -5.66 -12.69
CA MET A 36 10.50 -4.75 -12.36
C MET A 36 11.29 -5.46 -11.31
N ARG A 37 12.59 -5.22 -11.30
CA ARG A 37 13.51 -5.85 -10.38
C ARG A 37 14.25 -4.67 -9.73
N PHE A 38 14.36 -4.68 -8.41
CA PHE A 38 15.06 -3.61 -7.68
C PHE A 38 16.09 -4.28 -6.81
N ASP A 39 17.33 -3.83 -6.90
CA ASP A 39 18.34 -4.44 -6.07
C ASP A 39 18.33 -3.66 -4.80
N LEU A 40 17.80 -4.27 -3.75
CA LEU A 40 17.73 -3.62 -2.45
C LEU A 40 19.09 -3.44 -1.80
N SER A 41 20.15 -3.89 -2.45
CA SER A 41 21.49 -3.72 -1.90
C SER A 41 22.11 -2.44 -2.46
N LYS A 42 21.48 -1.85 -3.47
CA LYS A 42 21.95 -0.58 -4.04
C LYS A 42 21.38 0.57 -3.20
N GLY A 43 20.20 0.38 -2.61
CA GLY A 43 19.63 1.43 -1.79
C GLY A 43 18.14 1.23 -1.65
N PHE A 44 17.48 2.02 -0.79
CA PHE A 44 16.04 1.88 -0.61
C PHE A 44 15.36 2.64 -1.73
N PRO A 45 14.52 1.94 -2.52
CA PRO A 45 13.78 2.48 -3.66
C PRO A 45 12.65 3.49 -3.43
N LEU A 46 12.92 4.51 -2.63
CA LEU A 46 11.93 5.57 -2.43
C LEU A 46 12.28 6.62 -3.53
N LEU A 47 11.35 6.84 -4.45
CA LEU A 47 11.57 7.77 -5.54
C LEU A 47 12.16 9.09 -5.07
N THR A 48 13.21 9.51 -5.77
CA THR A 48 13.87 10.78 -5.50
C THR A 48 13.31 11.81 -6.48
N THR A 49 12.70 11.35 -7.57
CA THR A 49 12.12 12.24 -8.59
C THR A 49 10.78 12.90 -8.20
N LYS A 50 10.38 12.74 -6.95
CA LYS A 50 9.16 13.33 -6.40
C LYS A 50 8.99 12.84 -4.98
N LYS A 51 8.82 13.80 -4.09
CA LYS A 51 8.67 13.54 -2.68
C LYS A 51 7.49 12.63 -2.44
N VAL A 52 7.76 11.50 -1.80
CA VAL A 52 6.76 10.53 -1.46
C VAL A 52 6.86 10.45 0.07
N PRO A 53 5.71 10.49 0.78
CA PRO A 53 5.65 10.45 2.24
C PRO A 53 5.92 9.10 2.88
N PHE A 54 7.14 8.92 3.38
CA PHE A 54 7.49 7.68 4.03
C PHE A 54 6.60 7.43 5.24
N GLY A 55 6.37 8.47 6.03
CA GLY A 55 5.53 8.33 7.21
C GLY A 55 4.26 7.54 6.98
N LEU A 56 3.55 7.85 5.90
CA LEU A 56 2.30 7.14 5.58
C LEU A 56 2.52 5.65 5.33
N ILE A 57 3.65 5.36 4.70
CA ILE A 57 4.04 4.00 4.37
C ILE A 57 4.39 3.23 5.64
N LYS A 58 5.27 3.82 6.44
CA LYS A 58 5.71 3.20 7.65
C LYS A 58 4.55 2.90 8.59
N SER A 59 3.72 3.88 8.91
CA SER A 59 2.60 3.60 9.81
C SER A 59 1.72 2.52 9.23
N GLU A 60 1.31 2.68 7.96
CA GLU A 60 0.44 1.70 7.29
C GLU A 60 0.99 0.26 7.31
N LEU A 61 2.27 0.08 7.02
CA LEU A 61 2.87 -1.24 7.00
C LEU A 61 2.82 -1.87 8.36
N LEU A 62 3.18 -1.10 9.38
CA LEU A 62 3.18 -1.59 10.76
C LEU A 62 1.77 -2.02 11.10
N TRP A 63 0.82 -1.19 10.71
CA TRP A 63 -0.58 -1.45 10.93
C TRP A 63 -0.87 -2.84 10.40
N PHE A 64 -0.37 -3.14 9.20
CA PHE A 64 -0.59 -4.47 8.58
C PHE A 64 0.00 -5.54 9.48
N LEU A 65 1.33 -5.54 9.69
CA LEU A 65 2.03 -6.53 10.54
C LEU A 65 1.38 -6.82 11.89
N HIS A 66 0.84 -5.78 12.54
CA HIS A 66 0.17 -5.93 13.82
C HIS A 66 -1.09 -6.81 13.71
N GLY A 67 -1.59 -6.99 12.50
CA GLY A 67 -2.76 -7.80 12.33
C GLY A 67 -3.97 -6.94 12.57
N ASP A 68 -3.76 -5.63 12.56
CA ASP A 68 -4.81 -4.66 12.78
C ASP A 68 -5.79 -4.52 11.61
N THR A 69 -7.04 -4.18 11.91
CA THR A 69 -8.07 -3.95 10.88
C THR A 69 -8.81 -2.69 11.26
N ASN A 70 -8.31 -1.99 12.26
CA ASN A 70 -8.96 -0.79 12.76
C ASN A 70 -8.29 0.56 12.43
N ILE A 71 -9.07 1.42 11.79
CA ILE A 71 -8.69 2.77 11.39
C ILE A 71 -8.07 3.58 12.52
N ARG A 72 -8.57 3.40 13.73
CA ARG A 72 -8.06 4.15 14.89
C ARG A 72 -6.57 4.31 14.95
N PHE A 73 -5.83 3.21 14.82
CA PHE A 73 -4.36 3.23 14.87
C PHE A 73 -3.76 4.25 13.88
N LEU A 74 -4.22 4.20 12.63
CA LEU A 74 -3.74 5.09 11.57
C LEU A 74 -4.00 6.56 11.90
N LEU A 75 -5.24 6.91 12.24
CA LEU A 75 -5.54 8.30 12.61
C LEU A 75 -4.61 8.73 13.73
N GLN A 76 -4.38 7.81 14.65
CA GLN A 76 -3.52 8.01 15.81
C GLN A 76 -2.08 8.36 15.40
N HIS A 77 -1.77 8.17 14.12
CA HIS A 77 -0.46 8.50 13.55
C HIS A 77 -0.65 9.44 12.36
N ARG A 78 -1.77 10.16 12.32
CA ARG A 78 -2.06 11.08 11.23
C ARG A 78 -2.13 10.40 9.86
N ASN A 79 -2.39 9.11 9.85
CA ASN A 79 -2.50 8.40 8.59
C ASN A 79 -3.96 8.29 8.20
N HIS A 80 -4.34 9.03 7.16
CA HIS A 80 -5.71 9.05 6.70
C HIS A 80 -5.95 8.30 5.41
N ILE A 81 -4.98 7.51 4.95
CA ILE A 81 -5.16 6.76 3.70
C ILE A 81 -6.46 5.94 3.62
N TRP A 82 -6.75 5.14 4.64
CA TRP A 82 -7.94 4.29 4.66
C TRP A 82 -9.30 4.87 5.11
N ASP A 83 -9.31 6.12 5.56
CA ASP A 83 -10.53 6.76 6.05
C ASP A 83 -11.77 6.54 5.18
N GLU A 84 -11.66 6.87 3.91
CA GLU A 84 -12.75 6.77 2.93
C GLU A 84 -13.65 5.53 3.03
N TRP A 85 -13.06 4.40 3.38
CA TRP A 85 -13.84 3.17 3.48
C TRP A 85 -14.60 3.08 4.78
N ALA A 86 -13.98 3.49 5.89
CA ALA A 86 -14.61 3.45 7.20
C ALA A 86 -15.72 4.50 7.27
N PHE A 87 -15.54 5.58 6.51
CA PHE A 87 -16.49 6.69 6.43
C PHE A 87 -17.70 6.21 5.63
N GLU A 88 -17.43 5.66 4.44
CA GLU A 88 -18.45 5.14 3.55
C GLU A 88 -19.40 4.24 4.32
N LYS A 89 -18.84 3.44 5.21
CA LYS A 89 -19.57 2.50 6.05
C LYS A 89 -20.50 3.19 7.04
N TRP A 90 -19.97 4.14 7.80
CA TRP A 90 -20.77 4.86 8.76
C TRP A 90 -21.87 5.68 8.07
N VAL A 91 -21.52 6.30 6.94
CA VAL A 91 -22.45 7.10 6.18
C VAL A 91 -23.66 6.30 5.71
N LYS A 92 -23.48 5.00 5.50
CA LYS A 92 -24.59 4.15 5.09
C LYS A 92 -25.36 3.71 6.33
N SER A 93 -24.67 3.69 7.47
CA SER A 93 -25.29 3.29 8.73
C SER A 93 -26.48 4.16 9.09
N ASP A 94 -27.57 3.51 9.49
CA ASP A 94 -28.79 4.23 9.87
C ASP A 94 -28.56 5.22 11.01
N GLU A 95 -27.55 4.97 11.83
CA GLU A 95 -27.21 5.85 12.94
C GLU A 95 -26.73 7.20 12.40
N TYR A 96 -26.20 7.19 11.18
CA TYR A 96 -25.72 8.41 10.55
C TYR A 96 -26.94 9.27 10.27
N HIS A 97 -26.87 10.53 10.70
CA HIS A 97 -27.96 11.46 10.48
C HIS A 97 -27.40 12.82 10.15
N GLY A 98 -27.11 13.01 8.87
CA GLY A 98 -26.57 14.27 8.38
C GLY A 98 -26.79 14.39 6.90
N PRO A 99 -26.05 15.27 6.21
CA PRO A 99 -26.13 15.53 4.77
C PRO A 99 -26.05 14.30 3.85
N ASP A 100 -26.72 14.39 2.71
CA ASP A 100 -26.79 13.33 1.69
C ASP A 100 -25.55 12.45 1.51
N MET A 101 -24.38 13.07 1.44
CA MET A 101 -23.10 12.35 1.32
C MET A 101 -22.89 11.27 0.23
N THR A 102 -23.89 11.00 -0.60
CA THR A 102 -23.74 9.99 -1.64
C THR A 102 -22.68 10.35 -2.68
N ASP A 103 -21.94 9.34 -3.15
CA ASP A 103 -20.88 9.52 -4.14
C ASP A 103 -19.92 10.65 -3.76
N PHE A 104 -19.80 10.91 -2.46
CA PHE A 104 -18.95 11.97 -1.92
C PHE A 104 -17.58 12.16 -2.57
N GLY A 105 -17.00 11.08 -3.08
CA GLY A 105 -15.70 11.21 -3.72
C GLY A 105 -15.81 12.01 -5.01
N HIS A 106 -16.82 11.65 -5.81
CA HIS A 106 -17.05 12.31 -7.09
C HIS A 106 -17.57 13.71 -6.80
N ARG A 107 -18.62 13.76 -5.97
CA ARG A 107 -19.29 14.99 -5.59
C ARG A 107 -18.42 16.06 -4.93
N SER A 108 -17.45 15.66 -4.11
CA SER A 108 -16.59 16.64 -3.47
C SER A 108 -15.63 17.23 -4.50
N GLN A 109 -15.06 16.36 -5.32
CA GLN A 109 -14.10 16.76 -6.35
C GLN A 109 -14.72 17.75 -7.35
N LYS A 110 -16.03 17.65 -7.53
CA LYS A 110 -16.74 18.52 -8.46
C LYS A 110 -17.62 19.57 -7.78
N ASP A 111 -17.39 19.86 -6.51
CA ASP A 111 -18.19 20.86 -5.81
C ASP A 111 -17.44 21.39 -4.60
N PRO A 112 -16.94 22.63 -4.70
CA PRO A 112 -16.20 23.32 -3.64
C PRO A 112 -16.94 23.39 -2.31
N GLU A 113 -18.26 23.62 -2.38
CA GLU A 113 -19.04 23.70 -1.16
C GLU A 113 -19.41 22.34 -0.58
N PHE A 114 -19.71 21.38 -1.44
CA PHE A 114 -20.04 20.03 -0.97
C PHE A 114 -18.80 19.47 -0.27
N ALA A 115 -17.64 19.67 -0.89
CA ALA A 115 -16.38 19.21 -0.35
C ALA A 115 -16.16 19.83 1.02
N ALA A 116 -16.89 20.91 1.31
CA ALA A 116 -16.77 21.59 2.60
C ALA A 116 -17.55 20.81 3.64
N VAL A 117 -18.78 20.46 3.29
CA VAL A 117 -19.65 19.70 4.19
C VAL A 117 -18.98 18.36 4.49
N TYR A 118 -18.41 17.77 3.43
CA TYR A 118 -17.71 16.50 3.50
C TYR A 118 -16.57 16.50 4.50
N HIS A 119 -15.62 17.39 4.31
CA HIS A 119 -14.46 17.47 5.20
C HIS A 119 -14.80 17.77 6.66
N GLU A 120 -15.89 18.51 6.90
CA GLU A 120 -16.29 18.81 8.27
C GLU A 120 -16.89 17.54 8.90
N GLU A 121 -17.69 16.83 8.11
CA GLU A 121 -18.34 15.60 8.54
C GLU A 121 -17.31 14.49 8.81
N MET A 122 -16.25 14.50 8.02
CA MET A 122 -15.15 13.54 8.12
C MET A 122 -14.34 13.75 9.38
N ALA A 123 -13.89 14.99 9.61
CA ALA A 123 -13.11 15.34 10.79
C ALA A 123 -13.86 14.86 12.03
N LYS A 124 -15.18 15.05 11.99
CA LYS A 124 -16.10 14.64 13.04
C LYS A 124 -15.91 13.13 13.26
N PHE A 125 -16.22 12.36 12.22
CA PHE A 125 -16.09 10.90 12.23
C PHE A 125 -14.75 10.40 12.74
N ASP A 126 -13.66 10.95 12.21
CA ASP A 126 -12.34 10.55 12.64
C ASP A 126 -12.13 10.76 14.14
N ASP A 127 -12.69 11.83 14.69
CA ASP A 127 -12.54 12.10 16.11
C ASP A 127 -13.37 11.09 16.88
N ARG A 128 -14.57 10.82 16.39
CA ARG A 128 -15.47 9.87 17.03
C ARG A 128 -14.88 8.47 17.05
N VAL A 129 -14.08 8.13 16.02
CA VAL A 129 -13.42 6.83 15.92
C VAL A 129 -12.30 6.81 16.98
N LEU A 130 -11.62 7.93 17.11
CA LEU A 130 -10.52 8.08 18.03
C LEU A 130 -10.91 8.09 19.51
N HIS A 131 -12.10 8.62 19.79
CA HIS A 131 -12.55 8.76 21.16
C HIS A 131 -13.59 7.75 21.63
N ASP A 132 -14.56 7.41 20.79
CA ASP A 132 -15.60 6.46 21.19
C ASP A 132 -15.15 5.03 20.92
N ASP A 133 -14.75 4.34 21.99
CA ASP A 133 -14.30 2.95 21.92
C ASP A 133 -15.30 2.08 21.20
N ALA A 134 -16.57 2.29 21.53
CA ALA A 134 -17.61 1.51 20.92
C ALA A 134 -17.78 1.90 19.46
N PHE A 135 -17.63 3.19 19.19
CA PHE A 135 -17.80 3.68 17.82
C PHE A 135 -16.71 3.09 16.95
N ALA A 136 -15.48 3.15 17.46
CA ALA A 136 -14.30 2.62 16.81
C ALA A 136 -14.58 1.17 16.44
N ALA A 137 -14.76 0.34 17.45
CA ALA A 137 -15.07 -1.07 17.25
C ALA A 137 -16.17 -1.27 16.20
N LYS A 138 -17.11 -0.34 16.09
CA LYS A 138 -18.18 -0.50 15.11
C LYS A 138 -17.93 0.04 13.70
N TYR A 139 -17.27 1.18 13.57
CA TYR A 139 -17.04 1.77 12.27
C TYR A 139 -15.57 1.94 11.94
N GLY A 140 -14.75 1.84 12.97
CA GLY A 140 -13.32 1.95 12.75
C GLY A 140 -12.76 0.59 12.38
N ASP A 141 -13.62 -0.43 12.26
CA ASP A 141 -13.10 -1.75 11.92
C ASP A 141 -13.40 -2.15 10.48
N LEU A 142 -12.39 -2.07 9.63
CA LEU A 142 -12.55 -2.41 8.24
C LEU A 142 -12.82 -3.90 8.02
N GLY A 143 -12.25 -4.74 8.89
CA GLY A 143 -12.47 -6.16 8.76
C GLY A 143 -11.61 -6.93 7.78
N LEU A 144 -11.98 -6.89 6.51
CA LEU A 144 -11.25 -7.61 5.48
C LEU A 144 -10.33 -6.65 4.75
N VAL A 145 -9.13 -6.53 5.29
CA VAL A 145 -8.09 -5.68 4.78
C VAL A 145 -6.80 -6.48 5.06
N TYR A 146 -5.72 -6.11 4.38
CA TYR A 146 -4.47 -6.85 4.49
C TYR A 146 -4.09 -7.42 5.86
N GLY A 147 -4.13 -6.58 6.89
CA GLY A 147 -3.79 -7.04 8.23
C GLY A 147 -4.48 -8.32 8.70
N SER A 148 -5.74 -8.47 8.34
CA SER A 148 -6.52 -9.63 8.69
C SER A 148 -6.10 -10.73 7.73
N GLN A 149 -6.17 -10.45 6.44
CA GLN A 149 -5.78 -11.41 5.40
C GLN A 149 -4.36 -12.03 5.59
N TRP A 150 -3.41 -11.23 6.03
CA TRP A 150 -2.04 -11.70 6.24
C TRP A 150 -1.91 -12.52 7.49
N ARG A 151 -2.38 -11.92 8.58
CA ARG A 151 -2.28 -12.46 9.95
C ARG A 151 -3.47 -13.16 10.60
N ALA A 152 -4.54 -13.44 9.86
CA ALA A 152 -5.70 -14.08 10.45
C ALA A 152 -6.70 -14.38 9.35
N TRP A 153 -6.38 -15.40 8.59
CA TRP A 153 -7.20 -15.87 7.50
C TRP A 153 -8.21 -16.82 8.11
N HIS A 154 -9.48 -16.45 8.12
CA HIS A 154 -10.51 -17.32 8.67
C HIS A 154 -10.73 -18.60 7.85
N THR A 155 -10.68 -19.74 8.52
CA THR A 155 -10.85 -21.02 7.86
C THR A 155 -12.35 -21.38 7.83
N SER A 156 -12.67 -22.51 7.19
CA SER A 156 -14.02 -23.02 7.10
C SER A 156 -14.40 -23.63 8.44
N LYS A 157 -13.39 -24.02 9.20
CA LYS A 157 -13.62 -24.61 10.50
C LYS A 157 -13.52 -23.57 11.62
N GLY A 158 -13.84 -22.32 11.27
CA GLY A 158 -13.81 -21.24 12.24
C GLY A 158 -12.46 -20.63 12.59
N ASP A 159 -11.46 -21.47 12.86
CA ASP A 159 -10.11 -21.03 13.23
C ASP A 159 -9.47 -19.97 12.30
N THR A 160 -8.41 -19.34 12.78
CA THR A 160 -7.67 -18.34 12.03
C THR A 160 -6.24 -18.80 11.78
N ILE A 161 -5.69 -18.38 10.65
CA ILE A 161 -4.33 -18.74 10.23
C ILE A 161 -3.43 -17.53 10.00
N ASP A 162 -2.32 -17.46 10.72
CA ASP A 162 -1.37 -16.37 10.59
C ASP A 162 -0.37 -16.71 9.49
N GLN A 163 -0.80 -16.60 8.24
CA GLN A 163 0.02 -16.90 7.07
C GLN A 163 1.41 -16.37 7.26
N LEU A 164 1.51 -15.05 7.33
CA LEU A 164 2.77 -14.32 7.48
C LEU A 164 3.63 -14.80 8.64
N GLY A 165 3.02 -15.15 9.76
CA GLY A 165 3.81 -15.64 10.89
C GLY A 165 4.32 -17.06 10.63
N ASP A 166 3.57 -17.81 9.85
CA ASP A 166 3.98 -19.16 9.54
C ASP A 166 5.01 -19.13 8.42
N VAL A 167 4.87 -18.20 7.48
CA VAL A 167 5.83 -18.12 6.40
C VAL A 167 7.21 -17.73 6.93
N ILE A 168 7.26 -16.90 7.96
CA ILE A 168 8.56 -16.50 8.51
C ILE A 168 9.24 -17.62 9.28
N GLU A 169 8.46 -18.49 9.92
CA GLU A 169 9.07 -19.58 10.63
C GLU A 169 9.49 -20.61 9.57
N GLN A 170 8.70 -20.71 8.50
CA GLN A 170 9.06 -21.64 7.44
C GLN A 170 10.38 -21.22 6.79
N ILE A 171 10.65 -19.91 6.68
CA ILE A 171 11.91 -19.36 6.12
C ILE A 171 13.06 -19.56 7.12
N LYS A 172 12.78 -19.51 8.41
CA LYS A 172 13.81 -19.71 9.41
C LYS A 172 14.26 -21.17 9.40
N THR A 173 13.34 -22.06 9.06
CA THR A 173 13.67 -23.48 9.05
C THR A 173 13.91 -24.08 7.68
N HIS A 174 13.32 -23.52 6.63
CA HIS A 174 13.44 -24.05 5.28
C HIS A 174 13.62 -22.97 4.26
N PRO A 175 14.71 -22.19 4.34
CA PRO A 175 14.96 -21.10 3.40
C PRO A 175 14.71 -21.49 1.96
N TYR A 176 15.28 -22.62 1.57
CA TYR A 176 15.18 -23.12 0.21
C TYR A 176 13.83 -23.66 -0.24
N SER A 177 12.76 -23.24 0.43
CA SER A 177 11.41 -23.68 0.11
C SER A 177 10.82 -22.84 -1.00
N ARG A 178 10.25 -23.49 -1.98
CA ARG A 178 9.61 -22.80 -3.07
C ARG A 178 8.13 -22.50 -2.78
N ARG A 179 7.71 -22.62 -1.52
CA ARG A 179 6.30 -22.42 -1.17
C ARG A 179 6.11 -21.40 -0.05
N LEU A 180 6.97 -20.37 -0.03
CA LEU A 180 6.93 -19.32 0.98
C LEU A 180 6.02 -18.21 0.48
N ILE A 181 4.79 -18.61 0.16
CA ILE A 181 3.78 -17.72 -0.40
C ILE A 181 2.77 -17.16 0.62
N VAL A 182 2.33 -15.91 0.45
CA VAL A 182 1.32 -15.33 1.35
C VAL A 182 0.23 -14.75 0.46
N SER A 183 -1.02 -15.13 0.66
CA SER A 183 -2.07 -14.59 -0.20
C SER A 183 -3.14 -13.72 0.47
N ALA A 184 -3.59 -12.71 -0.27
CA ALA A 184 -4.61 -11.80 0.20
C ALA A 184 -5.84 -11.98 -0.67
N TRP A 185 -5.82 -13.02 -1.49
CA TRP A 185 -6.93 -13.24 -2.37
C TRP A 185 -7.89 -14.36 -1.98
N ASN A 186 -8.96 -14.04 -1.28
CA ASN A 186 -9.91 -15.06 -0.89
C ASN A 186 -11.16 -15.13 -1.79
N PRO A 187 -11.25 -16.19 -2.61
CA PRO A 187 -12.37 -16.40 -3.54
C PRO A 187 -13.73 -16.29 -2.89
N GLU A 188 -13.79 -16.60 -1.60
CA GLU A 188 -15.01 -16.56 -0.83
C GLU A 188 -15.51 -15.14 -0.49
N ASP A 189 -14.61 -14.19 -0.22
CA ASP A 189 -15.03 -12.81 0.11
C ASP A 189 -14.97 -11.90 -1.10
N VAL A 190 -13.98 -12.13 -1.95
CA VAL A 190 -13.74 -11.31 -3.12
C VAL A 190 -14.92 -10.68 -3.88
N PRO A 191 -16.00 -11.44 -4.15
CA PRO A 191 -17.14 -10.85 -4.86
C PRO A 191 -18.06 -9.90 -4.03
N THR A 192 -17.91 -9.89 -2.71
CA THR A 192 -18.74 -9.03 -1.87
C THR A 192 -18.03 -7.77 -1.40
N MET A 193 -16.73 -7.88 -1.13
CA MET A 193 -15.99 -6.73 -0.65
C MET A 193 -15.92 -5.58 -1.66
N ALA A 194 -15.78 -4.37 -1.12
CA ALA A 194 -15.72 -3.15 -1.94
C ALA A 194 -14.46 -3.09 -2.79
N LEU A 195 -13.31 -3.24 -2.14
CA LEU A 195 -12.04 -3.20 -2.86
C LEU A 195 -11.25 -4.48 -2.69
N PRO A 196 -11.38 -5.41 -3.65
CA PRO A 196 -10.65 -6.68 -3.59
C PRO A 196 -9.20 -6.21 -3.51
N PRO A 197 -8.36 -6.94 -2.76
CA PRO A 197 -6.97 -6.48 -2.66
C PRO A 197 -6.23 -6.27 -3.98
N CYS A 198 -5.45 -5.18 -4.03
CA CYS A 198 -4.63 -4.84 -5.19
C CYS A 198 -3.41 -5.74 -5.26
N HIS A 199 -2.74 -5.91 -4.12
CA HIS A 199 -1.55 -6.72 -3.99
C HIS A 199 -2.01 -8.14 -3.65
N THR A 200 -2.39 -8.86 -4.71
CA THR A 200 -2.92 -10.20 -4.62
C THR A 200 -2.15 -11.23 -3.83
N LEU A 201 -0.86 -11.37 -4.13
CA LEU A 201 -0.04 -12.37 -3.48
C LEU A 201 1.45 -12.11 -3.62
N TYR A 202 2.22 -12.36 -2.57
CA TYR A 202 3.66 -12.16 -2.65
C TYR A 202 4.40 -13.45 -2.26
N GLN A 203 5.62 -13.62 -2.74
CA GLN A 203 6.40 -14.82 -2.49
C GLN A 203 7.84 -14.53 -2.09
N PHE A 204 8.37 -15.29 -1.14
CA PHE A 204 9.75 -15.12 -0.68
C PHE A 204 10.68 -16.12 -1.34
N TYR A 205 11.95 -15.80 -1.44
CA TYR A 205 12.91 -16.71 -2.04
C TYR A 205 14.24 -16.39 -1.40
N VAL A 206 14.89 -17.40 -0.84
CA VAL A 206 16.17 -17.24 -0.17
C VAL A 206 17.20 -18.04 -0.91
N ASN A 207 18.31 -17.38 -1.23
CA ASN A 207 19.42 -18.04 -1.91
C ASN A 207 20.70 -17.25 -1.60
N ASP A 208 21.84 -17.94 -1.53
CA ASP A 208 23.11 -17.29 -1.21
C ASP A 208 23.08 -16.54 0.11
N GLY A 209 22.03 -16.72 0.91
CA GLY A 209 21.94 -16.03 2.19
C GLY A 209 21.32 -14.65 2.10
N LYS A 210 20.66 -14.38 0.98
CA LYS A 210 19.99 -13.12 0.69
C LYS A 210 18.55 -13.47 0.46
N LEU A 211 17.67 -12.65 1.02
CA LEU A 211 16.23 -12.85 0.88
C LEU A 211 15.63 -11.86 -0.13
N SER A 212 14.84 -12.37 -1.06
CA SER A 212 14.19 -11.51 -2.04
C SER A 212 12.70 -11.83 -1.97
N LEU A 213 11.88 -10.93 -2.49
CA LEU A 213 10.44 -11.10 -2.46
C LEU A 213 9.82 -10.68 -3.79
N GLN A 214 8.85 -11.45 -4.27
CA GLN A 214 8.17 -11.09 -5.50
C GLN A 214 6.74 -10.76 -5.15
N LEU A 215 6.22 -9.68 -5.73
CA LEU A 215 4.86 -9.27 -5.45
C LEU A 215 4.03 -9.29 -6.72
N TYR A 216 2.82 -9.86 -6.65
CA TYR A 216 1.93 -9.86 -7.80
C TYR A 216 0.82 -8.84 -7.55
N GLN A 217 0.81 -7.80 -8.38
CA GLN A 217 -0.17 -6.73 -8.23
C GLN A 217 -1.08 -6.68 -9.44
N ARG A 218 -2.28 -7.18 -9.26
CA ARG A 218 -3.27 -7.23 -10.33
C ARG A 218 -3.67 -5.91 -10.99
N SER A 219 -3.72 -4.84 -10.21
CA SER A 219 -4.12 -3.53 -10.71
C SER A 219 -3.14 -2.48 -10.19
N ALA A 220 -2.88 -1.45 -10.96
CA ALA A 220 -1.92 -0.47 -10.47
C ALA A 220 -2.05 0.95 -11.02
N ASP A 221 -2.01 1.91 -10.09
CA ASP A 221 -2.09 3.33 -10.42
C ASP A 221 -0.65 3.75 -10.54
N ILE A 222 -0.17 3.87 -11.76
CA ILE A 222 1.22 4.22 -11.99
C ILE A 222 1.71 5.47 -11.33
N PHE A 223 0.98 6.57 -11.43
CA PHE A 223 1.47 7.84 -10.85
C PHE A 223 1.27 7.99 -9.33
N LEU A 224 0.06 7.74 -8.85
CA LEU A 224 -0.21 7.90 -7.43
C LEU A 224 -0.04 6.68 -6.54
N GLY A 225 -0.08 5.49 -7.13
CA GLY A 225 0.00 4.28 -6.33
C GLY A 225 1.30 3.52 -6.29
N VAL A 226 1.86 3.20 -7.47
CA VAL A 226 3.14 2.47 -7.53
C VAL A 226 4.24 3.08 -6.63
N PRO A 227 4.44 4.41 -6.67
CA PRO A 227 5.49 5.01 -5.83
C PRO A 227 5.45 4.52 -4.42
N PHE A 228 4.24 4.39 -3.86
CA PHE A 228 4.05 3.87 -2.49
C PHE A 228 4.23 2.35 -2.51
N ASN A 229 3.40 1.67 -3.30
CA ASN A 229 3.39 0.21 -3.45
C ASN A 229 4.78 -0.37 -3.36
N ILE A 230 5.74 0.30 -3.99
CA ILE A 230 7.15 -0.08 -4.00
C ILE A 230 7.75 -0.07 -2.61
N ALA A 231 7.88 1.11 -2.02
CA ALA A 231 8.42 1.19 -0.68
C ALA A 231 7.66 0.34 0.38
N SER A 232 6.40 0.00 0.14
CA SER A 232 5.71 -0.84 1.13
C SER A 232 6.24 -2.26 1.12
N TYR A 233 6.45 -2.83 -0.07
CA TYR A 233 6.99 -4.17 -0.15
C TYR A 233 8.52 -4.26 -0.04
N ALA A 234 9.22 -3.16 -0.32
CA ALA A 234 10.68 -3.16 -0.18
C ALA A 234 10.99 -3.06 1.31
N LEU A 235 10.11 -2.39 2.05
CA LEU A 235 10.27 -2.24 3.50
C LEU A 235 9.93 -3.61 4.13
N LEU A 236 8.86 -4.25 3.68
CA LEU A 236 8.50 -5.56 4.22
C LEU A 236 9.68 -6.52 4.06
N THR A 237 10.36 -6.41 2.91
CA THR A 237 11.47 -7.25 2.57
C THR A 237 12.62 -7.09 3.56
N HIS A 238 12.94 -5.87 3.98
CA HIS A 238 14.00 -5.69 4.97
C HIS A 238 13.48 -6.22 6.30
N LEU A 239 12.26 -5.83 6.67
CA LEU A 239 11.67 -6.27 7.93
C LEU A 239 11.72 -7.77 8.15
N VAL A 240 11.35 -8.54 7.13
CA VAL A 240 11.44 -9.99 7.25
C VAL A 240 12.93 -10.39 7.31
N ALA A 241 13.77 -9.77 6.47
CA ALA A 241 15.20 -10.09 6.44
C ALA A 241 15.84 -9.89 7.80
N HIS A 242 15.47 -8.80 8.47
CA HIS A 242 16.01 -8.45 9.78
C HIS A 242 15.58 -9.54 10.77
N GLU A 243 14.28 -9.84 10.78
CA GLU A 243 13.73 -10.86 11.65
C GLU A 243 14.50 -12.19 11.47
N CYS A 244 14.65 -12.63 10.23
CA CYS A 244 15.33 -13.90 9.90
C CYS A 244 16.87 -13.91 9.85
N GLY A 245 17.52 -12.84 10.32
CA GLY A 245 18.97 -12.79 10.29
C GLY A 245 19.49 -12.97 8.88
N LEU A 246 18.72 -12.49 7.92
CA LEU A 246 19.07 -12.63 6.50
C LEU A 246 19.52 -11.36 5.83
N GLU A 247 20.06 -11.53 4.63
CA GLU A 247 20.51 -10.41 3.85
C GLU A 247 19.34 -9.90 3.00
N VAL A 248 19.64 -8.99 2.10
CA VAL A 248 18.58 -8.45 1.31
C VAL A 248 18.94 -8.57 -0.15
N GLY A 249 18.02 -9.19 -0.89
CA GLY A 249 18.22 -9.40 -2.30
C GLY A 249 17.49 -8.37 -3.11
N GLU A 250 16.56 -8.83 -3.94
CA GLU A 250 15.81 -7.93 -4.77
C GLU A 250 14.34 -7.91 -4.42
N PHE A 251 13.70 -6.81 -4.80
CA PHE A 251 12.26 -6.67 -4.69
C PHE A 251 11.86 -6.74 -6.17
N ILE A 252 11.14 -7.80 -6.53
CA ILE A 252 10.66 -8.00 -7.91
C ILE A 252 9.15 -7.68 -7.90
N HIS A 253 8.76 -6.69 -8.70
CA HIS A 253 7.39 -6.22 -8.82
C HIS A 253 6.75 -6.60 -10.17
N THR A 254 5.82 -7.55 -10.12
CA THR A 254 5.12 -8.03 -11.31
C THR A 254 3.72 -7.44 -11.31
N PHE A 255 3.30 -6.88 -12.44
CA PHE A 255 2.00 -6.26 -12.57
C PHE A 255 1.09 -6.98 -13.53
N GLY A 256 -0.20 -6.85 -13.25
CA GLY A 256 -1.22 -7.38 -14.14
C GLY A 256 -1.59 -6.15 -14.98
N ASP A 257 -2.60 -5.40 -14.56
CA ASP A 257 -3.04 -4.20 -15.28
C ASP A 257 -2.38 -2.93 -14.76
N ALA A 258 -1.29 -2.50 -15.36
CA ALA A 258 -0.64 -1.27 -14.90
C ALA A 258 -1.28 -0.14 -15.69
N HIS A 259 -1.69 0.94 -15.02
CA HIS A 259 -2.33 2.03 -15.74
C HIS A 259 -2.02 3.44 -15.27
N LEU A 260 -2.25 4.36 -16.20
CA LEU A 260 -2.02 5.76 -16.02
C LEU A 260 -3.36 6.47 -16.28
N TYR A 261 -3.94 7.09 -15.26
CA TYR A 261 -5.18 7.82 -15.46
C TYR A 261 -4.95 9.03 -16.39
N VAL A 262 -5.85 9.22 -17.35
CA VAL A 262 -5.72 10.33 -18.29
C VAL A 262 -5.52 11.68 -17.58
N ASN A 263 -6.11 11.83 -16.41
CA ASN A 263 -5.98 13.09 -15.67
C ASN A 263 -4.63 13.26 -14.97
N HIS A 264 -3.63 12.47 -15.37
CA HIS A 264 -2.28 12.54 -14.78
C HIS A 264 -1.19 12.60 -15.83
N LEU A 265 -1.56 12.70 -17.10
CA LEU A 265 -0.53 12.73 -18.15
C LEU A 265 0.47 13.88 -18.04
N ASP A 266 0.00 15.10 -17.76
CA ASP A 266 0.93 16.22 -17.64
C ASP A 266 1.83 16.03 -16.43
N GLN A 267 1.29 15.49 -15.36
CA GLN A 267 2.08 15.29 -14.14
C GLN A 267 3.21 14.29 -14.37
N ILE A 268 2.89 13.14 -14.97
CA ILE A 268 3.88 12.11 -15.22
C ILE A 268 4.95 12.61 -16.18
N LYS A 269 4.53 13.40 -17.16
CA LYS A 269 5.47 13.93 -18.14
C LYS A 269 6.49 14.87 -17.51
N GLU A 270 6.07 15.69 -16.56
CA GLU A 270 6.98 16.61 -15.89
C GLU A 270 7.97 15.84 -15.04
N GLN A 271 7.46 14.89 -14.26
CA GLN A 271 8.33 14.09 -13.44
C GLN A 271 9.33 13.39 -14.36
N LEU A 272 8.84 12.86 -15.48
CA LEU A 272 9.75 12.20 -16.40
C LEU A 272 10.92 13.06 -16.84
N SER A 273 10.79 14.39 -16.80
CA SER A 273 11.90 15.26 -17.21
C SER A 273 12.84 15.55 -16.06
N ARG A 274 12.64 14.85 -14.96
CA ARG A 274 13.48 15.02 -13.79
C ARG A 274 14.62 13.98 -13.86
N THR A 275 15.72 14.26 -13.19
CA THR A 275 16.87 13.36 -13.20
C THR A 275 17.08 12.82 -11.81
N PRO A 276 16.96 11.48 -11.63
CA PRO A 276 17.12 10.77 -10.35
C PRO A 276 18.34 11.14 -9.52
N ARG A 277 18.31 10.74 -8.26
CA ARG A 277 19.39 11.05 -7.35
C ARG A 277 19.80 9.82 -6.58
N PRO A 278 20.87 9.93 -5.80
CA PRO A 278 21.26 8.73 -5.06
C PRO A 278 20.10 8.40 -4.12
N ALA A 279 19.90 7.10 -3.90
CA ALA A 279 18.82 6.55 -3.10
C ALA A 279 18.96 6.72 -1.58
N PRO A 280 17.82 6.81 -0.87
CA PRO A 280 17.91 6.97 0.58
C PRO A 280 18.35 5.64 1.17
N THR A 281 19.00 5.66 2.34
CA THR A 281 19.45 4.43 2.98
C THR A 281 18.61 4.05 4.21
N LEU A 282 17.99 2.87 4.19
CA LEU A 282 17.16 2.40 5.29
C LEU A 282 17.98 1.85 6.44
N GLN A 283 17.62 2.26 7.65
CA GLN A 283 18.33 1.85 8.86
C GLN A 283 17.35 1.27 9.89
N LEU A 284 17.37 -0.04 10.07
CA LEU A 284 16.51 -0.68 11.05
C LEU A 284 17.24 -0.83 12.40
N ASN A 285 16.47 -0.75 13.49
CA ASN A 285 16.99 -0.87 14.84
C ASN A 285 17.67 -2.23 15.05
N PRO A 286 18.97 -2.22 15.34
CA PRO A 286 19.76 -3.45 15.55
C PRO A 286 19.32 -4.37 16.66
N ASP A 287 19.02 -3.80 17.84
CA ASP A 287 18.62 -4.58 18.99
C ASP A 287 17.31 -5.33 18.78
N LYS A 288 16.24 -4.58 18.52
CA LYS A 288 14.92 -5.14 18.31
C LYS A 288 14.91 -6.06 17.11
N HIS A 289 14.26 -7.22 17.26
CA HIS A 289 14.21 -8.16 16.17
C HIS A 289 12.85 -8.73 15.75
N ASP A 290 11.95 -9.00 16.68
CA ASP A 290 10.67 -9.55 16.24
C ASP A 290 9.83 -8.42 15.67
N ILE A 291 9.91 -8.27 14.36
CA ILE A 291 9.25 -7.21 13.61
C ILE A 291 7.77 -6.91 13.90
N PHE A 292 7.02 -7.87 14.40
CA PHE A 292 5.61 -7.63 14.68
C PHE A 292 5.40 -6.63 15.81
N ASP A 293 6.39 -6.55 16.70
CA ASP A 293 6.32 -5.63 17.82
C ASP A 293 7.03 -4.32 17.55
N PHE A 294 7.31 -4.05 16.26
CA PHE A 294 7.99 -2.84 15.84
C PHE A 294 7.08 -1.61 15.90
N ASP A 295 7.70 -0.44 16.04
CA ASP A 295 7.01 0.84 16.07
C ASP A 295 7.83 1.83 15.24
N MET A 296 7.15 2.85 14.73
CA MET A 296 7.73 3.90 13.90
C MET A 296 9.20 4.20 14.16
N LYS A 297 9.54 4.41 15.41
CA LYS A 297 10.90 4.74 15.78
C LYS A 297 12.00 3.72 15.43
N ASP A 298 11.63 2.46 15.17
CA ASP A 298 12.63 1.42 14.87
C ASP A 298 13.14 1.37 13.42
N ILE A 299 12.47 2.06 12.51
CA ILE A 299 12.86 2.09 11.10
C ILE A 299 13.24 3.55 10.79
N LYS A 300 14.49 3.76 10.42
CA LYS A 300 15.00 5.08 10.13
C LYS A 300 15.42 5.23 8.66
N LEU A 301 14.89 6.23 7.98
CA LEU A 301 15.28 6.49 6.58
C LEU A 301 16.40 7.53 6.59
N LEU A 302 17.35 7.42 5.67
CA LEU A 302 18.45 8.37 5.64
C LEU A 302 18.71 8.86 4.22
N ASN A 303 19.34 10.02 4.12
CA ASN A 303 19.71 10.59 2.82
C ASN A 303 18.66 10.62 1.72
N TYR A 304 17.43 10.95 2.11
CA TYR A 304 16.35 11.05 1.15
C TYR A 304 16.33 12.53 0.74
N ASP A 305 16.77 12.83 -0.47
CA ASP A 305 16.79 14.23 -0.94
C ASP A 305 15.90 14.29 -2.16
N PRO A 306 14.59 14.28 -1.94
CA PRO A 306 13.65 14.31 -3.05
C PRO A 306 13.48 15.62 -3.74
N TYR A 307 12.88 15.50 -4.92
CA TYR A 307 12.53 16.62 -5.76
C TYR A 307 11.23 17.12 -5.12
N PRO A 308 10.69 18.27 -5.54
CA PRO A 308 9.44 18.72 -4.92
C PRO A 308 8.31 17.80 -5.30
N ALA A 309 7.36 17.60 -4.40
CA ALA A 309 6.22 16.73 -4.68
C ALA A 309 5.42 17.26 -5.87
N ILE A 310 4.63 16.39 -6.50
CA ILE A 310 3.83 16.74 -7.67
C ILE A 310 2.39 16.42 -7.36
N LYS A 311 1.55 17.44 -7.26
CA LYS A 311 0.12 17.27 -6.94
C LYS A 311 -0.67 16.83 -8.19
N ALA A 312 -1.73 16.05 -7.97
CA ALA A 312 -2.55 15.57 -9.07
C ALA A 312 -3.91 15.09 -8.56
N PRO A 313 -4.93 15.12 -9.43
CA PRO A 313 -6.28 14.68 -9.05
C PRO A 313 -6.29 13.16 -8.91
N VAL A 314 -7.18 12.64 -8.07
CA VAL A 314 -7.28 11.20 -7.90
C VAL A 314 -8.34 10.71 -8.89
N ALA A 315 -8.55 9.41 -8.95
CA ALA A 315 -9.56 8.88 -9.86
C ALA A 315 -10.67 8.28 -9.01
N VAL A 316 -11.89 8.77 -9.21
CA VAL A 316 -13.08 8.30 -8.49
C VAL A 316 -14.33 8.51 -9.33
N1 DCM B . -4.37 1.56 -6.44
C2 DCM B . -3.00 1.24 -6.66
N3 DCM B . -2.15 1.44 -5.57
C4 DCM B . -2.58 1.94 -4.38
C5 DCM B . -3.99 2.26 -4.19
C6 DCM B . -4.83 2.03 -5.27
O2 DCM B . -2.47 0.80 -7.68
N4 DCM B . -1.71 2.09 -3.38
C1' DCM B . -5.47 1.55 -7.46
C2' DCM B . -5.27 0.82 -8.78
C3' DCM B . -6.68 0.86 -9.37
C4' DCM B . -7.62 0.46 -8.22
O4' DCM B . -6.83 1.02 -7.06
O3' DCM B . -6.88 2.26 -9.78
C5' DCM B . -7.64 -1.06 -7.99
O5' DCM B . -8.29 -1.86 -9.01
P DCM B . -9.86 -2.08 -9.04
O1P DCM B . -10.52 -0.84 -9.42
O2P DCM B . -10.15 -3.03 -10.11
O3P DCM B . -10.26 -2.56 -7.73
#